data_2PVK
#
_entry.id   2PVK
#
_cell.length_a   143.397
_cell.length_b   59.493
_cell.length_c   45.289
_cell.angle_alpha   90.000
_cell.angle_beta   102.756
_cell.angle_gamma   90.000
#
_symmetry.space_group_name_H-M   'C 1 2 1'
#
loop_
_entity.id
_entity.type
_entity.pdbx_description
1 polymer 'Casein kinase II subunit alpha'
2 non-polymer 2-(4-CHLOROBENZYLAMINO)-4-(PHENYLAMINO)PYRAZOLO[1,5-A][1,3,5]TRIAZINE-8-CARBONITRILE
3 water water
#
_entity_poly.entity_id   1
_entity_poly.type   'polypeptide(L)'
_entity_poly.pdbx_seq_one_letter_code
;MGSSHHHHHHSSGLVPRGSHMSKARVYADVNVLRPKEYWDYEALTVQWGEQDDYEVVRKVGRGKYSEVFEGINVNNNEKC
IIKILKPVKKKKIKREIKILQNL(CSO)GGPNIVKLLDIVRDQHSKTPSLIFEYVNNTDFKVLYPTLTDYDIRYYIYELL
KALDYCHSQGIMHRDVKPHNVMIDHELRKLRLIDWGLAEFYHPGKEYNVRVASRYFKGPELLVDLQDYDYSLDMWSLGCM
FAGMIFRKEPFFYGHDNHDQLVKIAKVLGTDGLNAYLNKYRIELDPQLEALVGRHSRKPWLKFMNADNQHLVSPEAIDFL
DKLLRYDHQERLTALEAMTHPYFQQVRAAENSRTRA
;
_entity_poly.pdbx_strand_id   A
#
loop_
_chem_comp.id
_chem_comp.type
_chem_comp.name
_chem_comp.formula
P45 non-polymer 2-(4-CHLOROBENZYLAMINO)-4-(PHENYLAMINO)PYRAZOLO[1,5-A][1,3,5]TRIAZINE-8-CARBONITRILE 'C19 H14 Cl N7'
#
# COMPACT_ATOMS: atom_id res chain seq x y z
N MET A 21 19.73 -6.33 13.36
CA MET A 21 18.65 -5.45 13.88
C MET A 21 18.40 -4.31 12.89
N SER A 22 17.14 -3.96 12.70
CA SER A 22 16.77 -2.89 11.79
C SER A 22 15.70 -1.97 12.39
N LYS A 23 15.79 -0.69 12.11
CA LYS A 23 14.80 0.25 12.59
C LYS A 23 14.53 1.29 11.50
N ALA A 24 13.34 1.86 11.52
CA ALA A 24 12.99 2.88 10.53
C ALA A 24 13.91 4.08 10.72
N ARG A 25 14.24 4.76 9.61
CA ARG A 25 15.11 5.92 9.65
C ARG A 25 14.36 7.21 9.97
N VAL A 26 13.03 7.16 9.94
CA VAL A 26 12.20 8.31 10.28
C VAL A 26 10.98 7.81 11.06
N TYR A 27 10.34 8.70 11.80
CA TYR A 27 9.14 8.35 12.56
C TYR A 27 9.27 7.10 13.42
N ALA A 28 10.49 6.75 13.80
CA ALA A 28 10.69 5.56 14.60
C ALA A 28 10.03 5.63 15.97
N ASP A 29 10.06 6.82 16.59
CA ASP A 29 9.51 6.99 17.94
C ASP A 29 8.09 7.53 18.07
N VAL A 30 7.32 7.54 16.99
CA VAL A 30 5.96 8.06 17.06
C VAL A 30 5.11 7.38 18.13
N ASN A 31 5.11 6.05 18.15
CA ASN A 31 4.32 5.32 19.12
C ASN A 31 5.01 5.21 20.48
N VAL A 32 6.27 5.59 20.53
CA VAL A 32 7.03 5.57 21.78
C VAL A 32 6.59 6.78 22.59
N LEU A 33 6.45 7.91 21.90
CA LEU A 33 6.07 9.16 22.54
C LEU A 33 4.58 9.33 22.80
N ARG A 34 3.74 8.62 22.04
CA ARG A 34 2.31 8.74 22.22
C ARG A 34 1.74 7.84 23.30
N PRO A 35 0.61 8.25 23.90
CA PRO A 35 -0.08 7.52 24.97
C PRO A 35 -0.57 6.15 24.48
N LYS A 36 -0.75 5.23 25.42
CA LYS A 36 -1.23 3.89 25.10
C LYS A 36 -2.55 3.98 24.35
N GLU A 37 -3.37 4.98 24.70
CA GLU A 37 -4.67 5.17 24.07
C GLU A 37 -4.58 5.22 22.54
N TYR A 38 -3.45 5.67 22.03
CA TYR A 38 -3.25 5.78 20.59
C TYR A 38 -2.97 4.45 19.88
N TRP A 39 -2.05 3.65 20.42
CA TRP A 39 -1.67 2.38 19.81
C TRP A 39 -2.20 1.12 20.48
N ASP A 40 -2.75 1.24 21.68
CA ASP A 40 -3.28 0.06 22.37
C ASP A 40 -4.69 -0.20 21.83
N TYR A 41 -4.74 -0.67 20.58
CA TYR A 41 -6.02 -0.93 19.90
C TYR A 41 -6.88 -2.02 20.51
N GLU A 42 -6.27 -2.99 21.19
CA GLU A 42 -7.07 -4.05 21.80
C GLU A 42 -7.92 -3.53 22.95
N ALA A 43 -7.65 -2.30 23.40
CA ALA A 43 -8.41 -1.69 24.50
C ALA A 43 -9.63 -0.97 23.94
N LEU A 44 -9.66 -0.81 22.63
CA LEU A 44 -10.76 -0.14 21.94
C LEU A 44 -12.11 -0.79 22.23
N THR A 45 -13.11 0.05 22.51
CA THR A 45 -14.46 -0.45 22.73
C THR A 45 -15.27 0.03 21.53
N VAL A 46 -15.59 -0.91 20.65
CA VAL A 46 -16.34 -0.58 19.44
C VAL A 46 -17.73 -0.04 19.76
N GLN A 47 -18.07 1.08 19.13
CA GLN A 47 -19.37 1.70 19.30
C GLN A 47 -20.10 1.43 18.00
N TRP A 48 -21.14 0.59 18.05
CA TRP A 48 -21.88 0.26 16.84
C TRP A 48 -22.92 1.30 16.43
N GLY A 49 -23.06 1.50 15.13
CA GLY A 49 -24.05 2.45 14.61
C GLY A 49 -25.34 1.69 14.36
N GLU A 50 -26.18 2.20 13.46
CA GLU A 50 -27.43 1.52 13.14
C GLU A 50 -27.41 0.95 11.74
N GLN A 51 -27.45 -0.37 11.65
CA GLN A 51 -27.40 -1.06 10.36
C GLN A 51 -28.47 -0.56 9.38
N ASP A 52 -29.66 -0.26 9.89
CA ASP A 52 -30.74 0.22 9.04
C ASP A 52 -30.46 1.56 8.38
N ASP A 53 -29.40 2.25 8.78
CA ASP A 53 -29.07 3.54 8.18
C ASP A 53 -28.49 3.39 6.77
N TYR A 54 -27.99 2.20 6.47
CA TYR A 54 -27.36 1.97 5.17
C TYR A 54 -27.96 0.81 4.39
N GLU A 55 -28.28 1.07 3.14
CA GLU A 55 -28.86 0.05 2.29
C GLU A 55 -28.00 -0.21 1.08
N VAL A 56 -27.90 -1.48 0.70
CA VAL A 56 -27.12 -1.91 -0.44
C VAL A 56 -27.75 -1.44 -1.74
N VAL A 57 -26.93 -0.97 -2.67
CA VAL A 57 -27.42 -0.51 -3.95
C VAL A 57 -26.93 -1.43 -5.06
N ARG A 58 -25.75 -2.01 -4.85
CA ARG A 58 -25.17 -2.93 -5.83
C ARG A 58 -23.80 -3.41 -5.35
N LYS A 59 -23.44 -4.64 -5.71
CA LYS A 59 -22.14 -5.17 -5.33
C LYS A 59 -21.10 -4.61 -6.28
N VAL A 60 -19.94 -4.22 -5.75
CA VAL A 60 -18.89 -3.67 -6.59
C VAL A 60 -17.58 -4.48 -6.50
N GLY A 61 -17.53 -5.40 -5.54
CA GLY A 61 -16.34 -6.20 -5.38
C GLY A 61 -16.48 -7.30 -4.33
N ARG A 62 -15.47 -8.17 -4.29
CA ARG A 62 -15.45 -9.27 -3.33
C ARG A 62 -14.00 -9.61 -3.04
N GLY A 63 -13.77 -10.26 -1.90
CA GLY A 63 -12.42 -10.63 -1.53
C GLY A 63 -12.42 -11.69 -0.47
N LYS A 64 -11.25 -12.18 -0.11
CA LYS A 64 -11.14 -13.22 0.90
C LYS A 64 -11.69 -12.76 2.25
N TYR A 65 -11.66 -11.46 2.51
CA TYR A 65 -12.12 -10.93 3.80
C TYR A 65 -13.47 -10.23 3.81
N SER A 66 -14.03 -9.93 2.65
CA SER A 66 -15.32 -9.24 2.63
C SER A 66 -15.98 -9.14 1.25
N GLU A 67 -17.24 -8.73 1.28
CA GLU A 67 -18.07 -8.49 0.10
C GLU A 67 -18.25 -6.98 0.12
N VAL A 68 -18.06 -6.32 -1.02
CA VAL A 68 -18.17 -4.87 -1.06
C VAL A 68 -19.32 -4.36 -1.91
N PHE A 69 -20.12 -3.47 -1.34
CA PHE A 69 -21.28 -2.94 -2.02
C PHE A 69 -21.36 -1.42 -2.05
N GLU A 70 -21.85 -0.87 -3.15
CA GLU A 70 -22.07 0.55 -3.21
C GLU A 70 -23.35 0.61 -2.41
N GLY A 71 -23.45 1.55 -1.48
CA GLY A 71 -24.65 1.65 -0.70
C GLY A 71 -25.09 3.10 -0.63
N ILE A 72 -26.06 3.37 0.22
CA ILE A 72 -26.56 4.72 0.41
C ILE A 72 -27.01 4.90 1.85
N ASN A 73 -26.76 6.09 2.38
CA ASN A 73 -27.16 6.42 3.74
C ASN A 73 -28.59 6.91 3.64
N VAL A 74 -29.54 6.14 4.15
CA VAL A 74 -30.97 6.50 4.08
C VAL A 74 -31.30 7.84 4.74
N ASN A 75 -30.46 8.27 5.68
CA ASN A 75 -30.68 9.53 6.37
C ASN A 75 -30.42 10.75 5.50
N ASN A 76 -29.24 10.81 4.90
CA ASN A 76 -28.84 11.94 4.07
C ASN A 76 -28.82 11.65 2.56
N ASN A 77 -29.16 10.42 2.19
CA ASN A 77 -29.16 10.03 0.78
C ASN A 77 -27.79 10.13 0.10
N GLU A 78 -26.74 10.07 0.89
CA GLU A 78 -25.37 10.14 0.36
C GLU A 78 -24.80 8.76 0.09
N LYS A 79 -24.04 8.62 -0.98
CA LYS A 79 -23.44 7.35 -1.33
C LYS A 79 -22.40 6.92 -0.31
N CYS A 80 -22.15 5.62 -0.25
CA CYS A 80 -21.18 5.05 0.68
C CYS A 80 -20.78 3.68 0.19
N ILE A 81 -19.77 3.10 0.85
CA ILE A 81 -19.28 1.78 0.52
C ILE A 81 -19.51 0.89 1.72
N ILE A 82 -20.18 -0.23 1.50
CA ILE A 82 -20.46 -1.17 2.58
C ILE A 82 -19.61 -2.42 2.40
N LYS A 83 -18.76 -2.69 3.38
CA LYS A 83 -17.92 -3.87 3.34
C LYS A 83 -18.43 -4.84 4.39
N ILE A 84 -19.07 -5.92 3.95
CA ILE A 84 -19.60 -6.93 4.84
C ILE A 84 -18.46 -7.92 5.11
N LEU A 85 -17.99 -7.96 6.34
CA LEU A 85 -16.88 -8.82 6.73
C LEU A 85 -17.23 -10.28 6.92
N LYS A 86 -16.32 -11.15 6.48
CA LYS A 86 -16.47 -12.57 6.66
C LYS A 86 -15.90 -12.79 8.07
N PRO A 87 -16.13 -13.96 8.68
CA PRO A 87 -15.62 -14.22 10.04
C PRO A 87 -14.22 -13.68 10.28
N VAL A 88 -14.08 -12.88 11.34
CA VAL A 88 -12.79 -12.27 11.70
C VAL A 88 -12.60 -12.15 13.22
N LYS A 89 -11.34 -12.26 13.66
CA LYS A 89 -11.00 -12.17 15.08
C LYS A 89 -11.17 -10.77 15.65
N LYS A 90 -11.69 -10.71 16.87
CA LYS A 90 -11.90 -9.44 17.56
C LYS A 90 -10.64 -8.59 17.51
N LYS A 91 -9.49 -9.22 17.74
CA LYS A 91 -8.23 -8.51 17.72
C LYS A 91 -7.98 -7.83 16.39
N LYS A 92 -8.09 -8.58 15.30
CA LYS A 92 -7.86 -8.06 13.96
C LYS A 92 -8.79 -6.89 13.59
N ILE A 93 -10.08 -7.03 13.87
CA ILE A 93 -11.04 -5.99 13.52
C ILE A 93 -10.83 -4.71 14.31
N LYS A 94 -10.42 -4.82 15.58
CA LYS A 94 -10.19 -3.64 16.38
C LYS A 94 -8.98 -2.87 15.86
N ARG A 95 -8.03 -3.61 15.30
CA ARG A 95 -6.81 -3.01 14.78
C ARG A 95 -7.12 -2.13 13.57
N GLU A 96 -7.95 -2.65 12.66
CA GLU A 96 -8.32 -1.90 11.47
C GLU A 96 -9.13 -0.66 11.86
N ILE A 97 -10.06 -0.82 12.80
CA ILE A 97 -10.88 0.29 13.23
C ILE A 97 -10.06 1.36 13.92
N LYS A 98 -9.19 0.96 14.86
CA LYS A 98 -8.38 1.92 15.57
C LYS A 98 -7.51 2.75 14.64
N ILE A 99 -6.91 2.08 13.66
CA ILE A 99 -6.04 2.75 12.71
C ILE A 99 -6.82 3.72 11.82
N LEU A 100 -8.00 3.31 11.38
CA LEU A 100 -8.81 4.21 10.55
C LEU A 100 -9.15 5.47 11.33
N GLN A 101 -9.46 5.32 12.62
CA GLN A 101 -9.81 6.46 13.45
C GLN A 101 -8.60 7.38 13.68
N ASN A 102 -7.43 6.78 13.90
CA ASN A 102 -6.23 7.58 14.10
C ASN A 102 -5.87 8.39 12.87
N LEU A 103 -6.12 7.84 11.69
CA LEU A 103 -5.78 8.52 10.45
C LEU A 103 -6.89 9.38 9.86
N CSO A 104 -8.03 9.47 10.55
CA CSO A 104 -9.18 10.26 10.07
CB CSO A 104 -10.32 10.22 11.11
SG CSO A 104 -11.83 11.15 10.66
C CSO A 104 -8.86 11.71 9.75
O CSO A 104 -8.34 12.46 10.59
OD CSO A 104 -12.40 10.28 9.34
N GLY A 105 -9.17 12.12 8.52
CA GLY A 105 -8.91 13.49 8.12
C GLY A 105 -7.57 13.69 7.48
N GLY A 106 -6.73 12.65 7.48
CA GLY A 106 -5.43 12.74 6.87
C GLY A 106 -5.54 12.83 5.35
N PRO A 107 -4.53 13.36 4.67
CA PRO A 107 -4.52 13.50 3.21
C PRO A 107 -4.77 12.19 2.44
N ASN A 108 -5.85 12.17 1.68
CA ASN A 108 -6.21 11.01 0.87
C ASN A 108 -6.39 9.69 1.63
N ILE A 109 -6.72 9.78 2.91
CA ILE A 109 -6.94 8.58 3.71
C ILE A 109 -8.45 8.32 3.70
N VAL A 110 -8.86 7.14 3.26
CA VAL A 110 -10.29 6.80 3.21
C VAL A 110 -10.93 7.02 4.58
N LYS A 111 -12.12 7.61 4.57
CA LYS A 111 -12.83 7.89 5.81
C LYS A 111 -13.76 6.75 6.21
N LEU A 112 -13.64 6.34 7.47
CA LEU A 112 -14.52 5.31 8.00
C LEU A 112 -15.71 6.09 8.55
N LEU A 113 -16.89 5.88 7.95
CA LEU A 113 -18.08 6.60 8.37
C LEU A 113 -18.84 5.94 9.52
N ASP A 114 -18.97 4.63 9.49
CA ASP A 114 -19.71 3.92 10.53
C ASP A 114 -19.31 2.45 10.64
N ILE A 115 -19.74 1.83 11.74
CA ILE A 115 -19.47 0.42 12.00
C ILE A 115 -20.77 -0.22 12.52
N VAL A 116 -21.26 -1.24 11.83
CA VAL A 116 -22.50 -1.90 12.25
C VAL A 116 -22.39 -3.43 12.21
N ARG A 117 -23.33 -4.09 12.86
CA ARG A 117 -23.36 -5.54 12.90
C ARG A 117 -24.78 -6.05 12.86
N ASP A 118 -24.92 -7.28 12.38
CA ASP A 118 -26.21 -7.95 12.32
C ASP A 118 -26.29 -8.75 13.62
N GLN A 119 -27.27 -8.43 14.45
CA GLN A 119 -27.42 -9.09 15.74
C GLN A 119 -27.45 -10.62 15.72
N HIS A 120 -28.31 -11.22 14.90
CA HIS A 120 -28.40 -12.67 14.85
C HIS A 120 -27.16 -13.41 14.38
N SER A 121 -26.55 -12.96 13.29
CA SER A 121 -25.35 -13.62 12.78
C SER A 121 -24.08 -13.01 13.36
N LYS A 122 -24.19 -11.79 13.89
CA LYS A 122 -23.07 -11.07 14.47
C LYS A 122 -22.11 -10.64 13.37
N THR A 123 -22.61 -10.58 12.15
CA THR A 123 -21.80 -10.17 11.02
C THR A 123 -21.56 -8.66 11.06
N PRO A 124 -20.30 -8.23 11.07
CA PRO A 124 -20.01 -6.79 11.11
C PRO A 124 -19.83 -6.22 9.71
N SER A 125 -20.18 -4.96 9.54
CA SER A 125 -20.02 -4.28 8.26
C SER A 125 -19.35 -2.93 8.52
N LEU A 126 -18.37 -2.59 7.70
CA LEU A 126 -17.67 -1.32 7.84
C LEU A 126 -18.17 -0.37 6.76
N ILE A 127 -18.58 0.83 7.17
CA ILE A 127 -19.10 1.82 6.20
C ILE A 127 -18.06 2.88 5.87
N PHE A 128 -17.68 2.97 4.59
CA PHE A 128 -16.70 3.94 4.12
C PHE A 128 -17.30 4.95 3.15
N GLU A 129 -16.54 6.02 2.89
CA GLU A 129 -16.96 7.04 1.96
C GLU A 129 -16.94 6.39 0.58
N TYR A 130 -17.77 6.89 -0.33
CA TYR A 130 -17.83 6.34 -1.68
C TYR A 130 -16.87 7.06 -2.63
N VAL A 131 -16.17 6.28 -3.45
CA VAL A 131 -15.29 6.85 -4.46
C VAL A 131 -15.62 6.15 -5.78
N ASN A 132 -16.01 6.93 -6.79
CA ASN A 132 -16.35 6.37 -8.09
C ASN A 132 -15.10 5.91 -8.81
N ASN A 133 -14.58 4.77 -8.39
CA ASN A 133 -13.35 4.21 -8.94
C ASN A 133 -13.44 3.58 -10.32
N THR A 134 -12.40 3.78 -11.12
CA THR A 134 -12.30 3.16 -12.43
C THR A 134 -11.23 2.09 -12.28
N ASP A 135 -11.60 0.83 -12.48
CA ASP A 135 -10.67 -0.28 -12.37
C ASP A 135 -9.30 0.11 -12.94
N PHE A 136 -8.25 -0.07 -12.16
CA PHE A 136 -6.90 0.27 -12.61
C PHE A 136 -6.54 -0.40 -13.91
N LYS A 137 -7.10 -1.58 -14.13
CA LYS A 137 -6.81 -2.34 -15.35
C LYS A 137 -7.22 -1.56 -16.59
N VAL A 138 -8.23 -0.70 -16.46
CA VAL A 138 -8.69 0.10 -17.59
C VAL A 138 -8.22 1.56 -17.49
N LEU A 139 -8.14 2.07 -16.27
CA LEU A 139 -7.70 3.45 -16.05
C LEU A 139 -6.24 3.73 -16.34
N TYR A 140 -5.32 2.97 -15.73
CA TYR A 140 -3.89 3.22 -15.93
C TYR A 140 -3.44 3.36 -17.37
N PRO A 141 -3.92 2.48 -18.27
CA PRO A 141 -3.50 2.58 -19.67
C PRO A 141 -3.85 3.92 -20.33
N THR A 142 -4.84 4.63 -19.80
CA THR A 142 -5.24 5.90 -20.38
C THR A 142 -4.56 7.10 -19.73
N LEU A 143 -3.88 6.87 -18.61
CA LEU A 143 -3.22 7.97 -17.91
C LEU A 143 -2.08 8.58 -18.71
N THR A 144 -1.99 9.91 -18.69
CA THR A 144 -0.92 10.62 -19.39
C THR A 144 0.29 10.66 -18.44
N ASP A 145 1.39 11.24 -18.93
CA ASP A 145 2.60 11.37 -18.13
C ASP A 145 2.24 12.17 -16.88
N TYR A 146 1.61 13.32 -17.07
CA TYR A 146 1.25 14.16 -15.95
C TYR A 146 0.30 13.49 -14.96
N ASP A 147 -0.65 12.72 -15.48
CA ASP A 147 -1.61 12.02 -14.60
C ASP A 147 -0.87 11.08 -13.66
N ILE A 148 0.09 10.36 -14.20
CA ILE A 148 0.88 9.43 -13.40
C ILE A 148 1.60 10.15 -12.26
N ARG A 149 2.32 11.21 -12.60
CA ARG A 149 3.04 11.99 -11.59
C ARG A 149 2.07 12.53 -10.54
N TYR A 150 0.94 13.04 -11.00
CA TYR A 150 -0.09 13.59 -10.12
C TYR A 150 -0.66 12.57 -9.14
N TYR A 151 -1.14 11.43 -9.66
CA TYR A 151 -1.72 10.42 -8.79
C TYR A 151 -0.71 9.77 -7.85
N ILE A 152 0.50 9.53 -8.32
CA ILE A 152 1.52 8.92 -7.46
C ILE A 152 1.87 9.91 -6.35
N TYR A 153 1.86 11.19 -6.68
CA TYR A 153 2.16 12.23 -5.70
C TYR A 153 1.09 12.22 -4.61
N GLU A 154 -0.17 12.13 -5.03
CA GLU A 154 -1.31 12.09 -4.12
C GLU A 154 -1.24 10.86 -3.20
N LEU A 155 -0.85 9.73 -3.75
CA LEU A 155 -0.74 8.51 -2.96
C LEU A 155 0.39 8.69 -1.94
N LEU A 156 1.47 9.33 -2.35
CA LEU A 156 2.61 9.59 -1.49
C LEU A 156 2.19 10.41 -0.28
N LYS A 157 1.29 11.37 -0.50
CA LYS A 157 0.80 12.22 0.59
C LYS A 157 0.21 11.33 1.67
N ALA A 158 -0.61 10.37 1.25
CA ALA A 158 -1.27 9.48 2.19
C ALA A 158 -0.26 8.62 2.95
N LEU A 159 0.75 8.12 2.25
CA LEU A 159 1.77 7.28 2.88
C LEU A 159 2.61 8.05 3.89
N ASP A 160 3.08 9.24 3.53
CA ASP A 160 3.87 10.02 4.46
C ASP A 160 3.03 10.33 5.68
N TYR A 161 1.75 10.59 5.44
CA TYR A 161 0.87 10.88 6.56
C TYR A 161 0.76 9.72 7.53
N CYS A 162 0.37 8.53 7.06
CA CYS A 162 0.21 7.40 7.96
C CYS A 162 1.53 7.01 8.61
N HIS A 163 2.62 7.08 7.86
CA HIS A 163 3.93 6.75 8.43
C HIS A 163 4.25 7.76 9.55
N SER A 164 3.93 9.03 9.31
CA SER A 164 4.19 10.08 10.30
C SER A 164 3.32 9.84 11.52
N GLN A 165 2.28 9.02 11.37
CA GLN A 165 1.39 8.71 12.47
C GLN A 165 1.71 7.35 13.04
N GLY A 166 2.91 6.84 12.75
CA GLY A 166 3.34 5.56 13.27
C GLY A 166 2.62 4.33 12.72
N ILE A 167 2.15 4.41 11.49
CA ILE A 167 1.43 3.29 10.90
C ILE A 167 1.96 2.88 9.54
N MET A 168 2.02 1.57 9.31
CA MET A 168 2.48 1.00 8.04
C MET A 168 1.22 0.45 7.39
N HIS A 169 1.01 0.71 6.10
CA HIS A 169 -0.20 0.20 5.43
C HIS A 169 -0.08 -1.29 5.17
N ARG A 170 1.08 -1.71 4.70
CA ARG A 170 1.39 -3.11 4.41
C ARG A 170 0.59 -3.84 3.33
N ASP A 171 -0.17 -3.10 2.53
CA ASP A 171 -0.92 -3.72 1.45
C ASP A 171 -1.20 -2.71 0.33
N VAL A 172 -0.18 -1.92 0.00
CA VAL A 172 -0.30 -0.92 -1.05
C VAL A 172 -0.31 -1.64 -2.39
N LYS A 173 -1.32 -1.34 -3.20
CA LYS A 173 -1.48 -1.94 -4.53
C LYS A 173 -2.63 -1.22 -5.22
N PRO A 174 -2.74 -1.34 -6.56
CA PRO A 174 -3.81 -0.69 -7.31
C PRO A 174 -5.22 -0.98 -6.81
N HIS A 175 -5.46 -2.19 -6.34
CA HIS A 175 -6.78 -2.58 -5.83
C HIS A 175 -7.18 -1.78 -4.59
N ASN A 176 -6.18 -1.23 -3.87
CA ASN A 176 -6.45 -0.48 -2.66
C ASN A 176 -6.28 1.03 -2.81
N VAL A 177 -6.17 1.48 -4.06
CA VAL A 177 -6.06 2.90 -4.35
C VAL A 177 -7.25 3.28 -5.23
N MET A 178 -8.28 3.86 -4.60
CA MET A 178 -9.46 4.27 -5.33
C MET A 178 -9.21 5.59 -6.02
N ILE A 179 -9.67 5.70 -7.26
CA ILE A 179 -9.50 6.92 -8.02
C ILE A 179 -10.73 7.27 -8.86
N ASP A 180 -11.24 8.47 -8.63
CA ASP A 180 -12.36 9.00 -9.39
C ASP A 180 -11.59 9.85 -10.40
N HIS A 181 -11.34 9.30 -11.58
CA HIS A 181 -10.56 10.00 -12.59
C HIS A 181 -11.15 11.33 -13.02
N GLU A 182 -12.48 11.37 -13.13
CA GLU A 182 -13.17 12.59 -13.52
C GLU A 182 -12.88 13.71 -12.52
N LEU A 183 -12.95 13.39 -11.23
CA LEU A 183 -12.71 14.36 -10.18
C LEU A 183 -11.25 14.42 -9.71
N ARG A 184 -10.41 13.56 -10.26
CA ARG A 184 -9.00 13.51 -9.90
C ARG A 184 -8.83 13.41 -8.38
N LYS A 185 -9.66 12.58 -7.76
CA LYS A 185 -9.64 12.34 -6.33
C LYS A 185 -9.12 10.93 -6.05
N LEU A 186 -8.19 10.83 -5.11
CA LEU A 186 -7.58 9.54 -4.77
C LEU A 186 -7.72 9.22 -3.29
N ARG A 187 -7.96 7.96 -2.99
CA ARG A 187 -8.08 7.53 -1.60
C ARG A 187 -7.36 6.20 -1.40
N LEU A 188 -6.55 6.10 -0.34
CA LEU A 188 -5.86 4.86 -0.02
C LEU A 188 -6.79 4.12 0.94
N ILE A 189 -7.25 2.94 0.54
CA ILE A 189 -8.18 2.17 1.36
C ILE A 189 -7.66 0.82 1.83
N ASP A 190 -8.57 0.09 2.48
CA ASP A 190 -8.36 -1.25 3.00
C ASP A 190 -7.15 -1.33 3.93
N TRP A 191 -7.36 -0.83 5.14
CA TRP A 191 -6.33 -0.79 6.17
C TRP A 191 -6.38 -2.01 7.08
N GLY A 192 -6.93 -3.11 6.57
CA GLY A 192 -7.03 -4.34 7.35
C GLY A 192 -5.71 -5.06 7.62
N LEU A 193 -4.65 -4.66 6.92
CA LEU A 193 -3.35 -5.29 7.12
C LEU A 193 -2.37 -4.31 7.77
N ALA A 194 -2.79 -3.06 7.90
CA ALA A 194 -1.94 -2.04 8.51
C ALA A 194 -1.55 -2.43 9.94
N GLU A 195 -0.46 -1.85 10.44
CA GLU A 195 0.02 -2.11 11.81
C GLU A 195 0.73 -0.88 12.36
N PHE A 196 0.79 -0.78 13.68
CA PHE A 196 1.49 0.32 14.31
C PHE A 196 2.97 -0.05 14.31
N TYR A 197 3.84 0.91 14.04
CA TYR A 197 5.27 0.64 14.03
C TYR A 197 5.89 0.86 15.41
N HIS A 198 6.60 -0.15 15.90
CA HIS A 198 7.27 -0.07 17.20
C HIS A 198 8.72 -0.45 16.93
N PRO A 199 9.69 0.40 17.33
CA PRO A 199 11.11 0.14 17.11
C PRO A 199 11.55 -1.26 17.51
N GLY A 200 12.10 -2.00 16.55
CA GLY A 200 12.59 -3.34 16.82
C GLY A 200 11.60 -4.48 16.82
N LYS A 201 10.31 -4.18 16.81
CA LYS A 201 9.28 -5.21 16.83
C LYS A 201 9.34 -6.13 15.62
N GLU A 202 9.09 -7.41 15.85
CA GLU A 202 9.11 -8.38 14.77
C GLU A 202 7.69 -8.67 14.28
N TYR A 203 7.43 -8.29 13.03
CA TYR A 203 6.12 -8.47 12.43
C TYR A 203 6.01 -9.71 11.55
N ASN A 204 4.77 -10.08 11.24
CA ASN A 204 4.46 -11.23 10.40
C ASN A 204 4.78 -10.80 8.97
N VAL A 205 5.53 -11.61 8.24
CA VAL A 205 5.86 -11.26 6.86
C VAL A 205 4.75 -11.61 5.89
N ARG A 206 3.69 -12.24 6.41
CA ARG A 206 2.57 -12.64 5.57
C ARG A 206 1.60 -11.50 5.33
N VAL A 207 2.10 -10.40 4.78
CA VAL A 207 1.26 -9.24 4.47
C VAL A 207 1.46 -8.83 3.01
N ALA A 208 0.77 -7.78 2.60
CA ALA A 208 0.83 -7.29 1.23
C ALA A 208 0.43 -8.37 0.24
N SER A 209 0.21 -7.97 -1.01
CA SER A 209 -0.16 -8.91 -2.06
C SER A 209 1.11 -9.28 -2.82
N ARG A 210 1.23 -10.55 -3.20
CA ARG A 210 2.44 -11.05 -3.87
C ARG A 210 3.24 -10.13 -4.80
N TYR A 211 2.62 -9.61 -5.85
CA TYR A 211 3.33 -8.76 -6.81
C TYR A 211 3.90 -7.47 -6.23
N PHE A 212 3.46 -7.12 -5.03
CA PHE A 212 3.92 -5.91 -4.37
C PHE A 212 4.66 -6.17 -3.06
N LYS A 213 4.95 -7.44 -2.79
CA LYS A 213 5.68 -7.82 -1.58
C LYS A 213 7.15 -7.40 -1.73
N GLY A 214 7.68 -6.71 -0.73
CA GLY A 214 9.06 -6.28 -0.78
C GLY A 214 10.02 -7.42 -0.44
N PRO A 215 11.30 -7.30 -0.80
CA PRO A 215 12.31 -8.31 -0.51
C PRO A 215 12.35 -8.73 0.96
N GLU A 216 12.16 -7.79 1.87
CA GLU A 216 12.18 -8.11 3.29
C GLU A 216 11.19 -9.24 3.63
N LEU A 217 9.99 -9.17 3.07
CA LEU A 217 8.97 -10.18 3.32
C LEU A 217 9.33 -11.51 2.67
N LEU A 218 9.95 -11.43 1.50
CA LEU A 218 10.32 -12.60 0.73
C LEU A 218 11.54 -13.37 1.29
N VAL A 219 12.33 -12.73 2.14
CA VAL A 219 13.48 -13.41 2.74
C VAL A 219 13.30 -13.56 4.24
N ASP A 220 12.08 -13.31 4.69
CA ASP A 220 11.69 -13.43 6.10
C ASP A 220 12.31 -12.44 7.09
N LEU A 221 12.60 -11.23 6.63
CA LEU A 221 13.14 -10.23 7.55
C LEU A 221 11.89 -9.65 8.22
N GLN A 222 11.74 -9.93 9.51
CA GLN A 222 10.58 -9.51 10.28
C GLN A 222 10.58 -8.11 10.87
N ASP A 223 11.75 -7.58 11.20
CA ASP A 223 11.77 -6.24 11.78
C ASP A 223 11.78 -5.15 10.71
N TYR A 224 10.81 -5.24 9.79
CA TYR A 224 10.68 -4.27 8.72
C TYR A 224 9.95 -3.02 9.21
N ASP A 225 9.79 -2.02 8.36
CA ASP A 225 9.13 -0.79 8.77
C ASP A 225 8.34 -0.11 7.65
N TYR A 226 8.15 1.19 7.76
CA TYR A 226 7.40 1.97 6.77
C TYR A 226 7.92 1.77 5.35
N SER A 227 9.22 1.50 5.24
CA SER A 227 9.87 1.33 3.95
C SER A 227 9.28 0.21 3.09
N LEU A 228 8.58 -0.73 3.72
CA LEU A 228 7.93 -1.81 2.98
C LEU A 228 6.95 -1.21 1.96
N ASP A 229 6.17 -0.22 2.40
CA ASP A 229 5.18 0.42 1.52
C ASP A 229 5.83 1.13 0.35
N MET A 230 7.07 1.58 0.53
CA MET A 230 7.76 2.29 -0.53
C MET A 230 8.18 1.34 -1.66
N TRP A 231 8.39 0.07 -1.34
CA TRP A 231 8.73 -0.89 -2.38
C TRP A 231 7.46 -1.14 -3.18
N SER A 232 6.36 -1.30 -2.45
CA SER A 232 5.05 -1.54 -3.04
C SER A 232 4.69 -0.38 -3.97
N LEU A 233 4.91 0.84 -3.52
CA LEU A 233 4.62 2.02 -4.33
C LEU A 233 5.49 1.96 -5.60
N GLY A 234 6.76 1.59 -5.43
CA GLY A 234 7.66 1.50 -6.57
C GLY A 234 7.15 0.51 -7.60
N CYS A 235 6.63 -0.62 -7.14
CA CYS A 235 6.10 -1.64 -8.03
C CYS A 235 4.95 -1.04 -8.83
N MET A 236 4.09 -0.29 -8.16
CA MET A 236 2.98 0.35 -8.84
C MET A 236 3.51 1.35 -9.85
N PHE A 237 4.47 2.15 -9.43
CA PHE A 237 5.06 3.16 -10.31
C PHE A 237 5.68 2.51 -11.53
N ALA A 238 6.44 1.44 -11.32
CA ALA A 238 7.09 0.74 -12.43
C ALA A 238 6.03 0.24 -13.40
N GLY A 239 4.93 -0.29 -12.84
CA GLY A 239 3.84 -0.78 -13.67
C GLY A 239 3.23 0.29 -14.54
N MET A 240 3.06 1.49 -14.00
CA MET A 240 2.49 2.61 -14.75
C MET A 240 3.37 3.14 -15.88
N ILE A 241 4.61 3.50 -15.58
CA ILE A 241 5.47 4.06 -16.62
C ILE A 241 5.90 3.05 -17.69
N PHE A 242 6.01 1.77 -17.31
CA PHE A 242 6.39 0.75 -18.29
C PHE A 242 5.17 0.06 -18.89
N ARG A 243 3.99 0.44 -18.44
CA ARG A 243 2.73 -0.12 -18.93
C ARG A 243 2.70 -1.64 -18.75
N LYS A 244 3.10 -2.10 -17.57
CA LYS A 244 3.10 -3.53 -17.29
C LYS A 244 2.23 -3.81 -16.08
N GLU A 245 1.37 -4.82 -16.20
CA GLU A 245 0.48 -5.20 -15.11
C GLU A 245 0.59 -6.68 -14.78
N PRO A 246 1.31 -7.04 -13.71
CA PRO A 246 2.02 -6.11 -12.83
C PRO A 246 3.46 -6.09 -13.34
N PHE A 247 4.34 -5.35 -12.69
CA PHE A 247 5.72 -5.30 -13.18
C PHE A 247 6.46 -6.60 -12.84
N PHE A 248 6.38 -7.02 -11.58
CA PHE A 248 7.04 -8.27 -11.13
C PHE A 248 5.92 -9.33 -11.04
N TYR A 249 5.80 -10.14 -12.08
CA TYR A 249 4.76 -11.17 -12.14
C TYR A 249 5.19 -12.58 -11.74
N GLY A 250 5.19 -12.84 -10.43
CA GLY A 250 5.57 -14.16 -9.94
C GLY A 250 4.34 -15.00 -9.60
N HIS A 251 4.49 -16.33 -9.64
CA HIS A 251 3.37 -17.22 -9.34
C HIS A 251 3.22 -17.61 -7.86
N ASP A 252 4.32 -17.55 -7.11
CA ASP A 252 4.27 -17.82 -5.67
C ASP A 252 5.35 -16.98 -5.00
N ASN A 253 5.38 -16.95 -3.68
CA ASN A 253 6.36 -16.13 -2.96
C ASN A 253 7.82 -16.37 -3.34
N HIS A 254 8.17 -17.60 -3.68
CA HIS A 254 9.54 -17.89 -4.07
C HIS A 254 9.83 -17.35 -5.46
N ASP A 255 8.87 -17.56 -6.37
CA ASP A 255 9.02 -17.10 -7.74
C ASP A 255 9.02 -15.57 -7.79
N GLN A 256 8.34 -14.95 -6.82
CA GLN A 256 8.26 -13.49 -6.75
C GLN A 256 9.66 -12.93 -6.54
N LEU A 257 10.41 -13.54 -5.63
CA LEU A 257 11.77 -13.09 -5.38
C LEU A 257 12.63 -13.32 -6.63
N VAL A 258 12.39 -14.42 -7.33
CA VAL A 258 13.14 -14.73 -8.53
C VAL A 258 12.96 -13.65 -9.59
N LYS A 259 11.70 -13.25 -9.81
CA LYS A 259 11.40 -12.22 -10.80
C LYS A 259 12.13 -10.91 -10.44
N ILE A 260 12.21 -10.62 -9.15
CA ILE A 260 12.88 -9.42 -8.70
C ILE A 260 14.38 -9.52 -8.97
N ALA A 261 14.97 -10.64 -8.55
CA ALA A 261 16.40 -10.87 -8.74
C ALA A 261 16.81 -10.82 -10.22
N LYS A 262 15.92 -11.28 -11.10
CA LYS A 262 16.25 -11.26 -12.52
C LYS A 262 16.29 -9.84 -13.07
N VAL A 263 15.94 -8.87 -12.24
CA VAL A 263 15.96 -7.48 -12.66
C VAL A 263 17.04 -6.70 -11.92
N LEU A 264 16.98 -6.71 -10.59
CA LEU A 264 17.97 -5.99 -9.80
C LEU A 264 19.30 -6.73 -9.73
N GLY A 265 19.29 -8.02 -10.05
CA GLY A 265 20.51 -8.81 -10.01
C GLY A 265 20.76 -9.47 -8.68
N THR A 266 21.47 -10.60 -8.71
CA THR A 266 21.78 -11.34 -7.49
C THR A 266 22.87 -10.71 -6.63
N ASP A 267 23.76 -9.93 -7.26
CA ASP A 267 24.81 -9.27 -6.49
C ASP A 267 24.16 -8.42 -5.40
N GLY A 268 23.17 -7.62 -5.80
CA GLY A 268 22.48 -6.78 -4.85
C GLY A 268 21.78 -7.59 -3.77
N LEU A 269 21.24 -8.73 -4.15
CA LEU A 269 20.55 -9.60 -3.20
C LEU A 269 21.51 -10.16 -2.16
N ASN A 270 22.64 -10.70 -2.63
CA ASN A 270 23.63 -11.26 -1.71
C ASN A 270 24.11 -10.22 -0.70
N ALA A 271 24.35 -9.01 -1.18
CA ALA A 271 24.82 -7.94 -0.32
C ALA A 271 23.74 -7.66 0.74
N TYR A 272 22.49 -7.66 0.30
CA TYR A 272 21.35 -7.41 1.18
C TYR A 272 21.31 -8.48 2.29
N LEU A 273 21.37 -9.74 1.87
CA LEU A 273 21.33 -10.87 2.79
C LEU A 273 22.50 -10.85 3.79
N ASN A 274 23.68 -10.47 3.33
CA ASN A 274 24.83 -10.43 4.22
C ASN A 274 24.74 -9.28 5.21
N LYS A 275 24.11 -8.18 4.81
CA LYS A 275 23.97 -7.04 5.71
C LYS A 275 23.07 -7.35 6.90
N TYR A 276 22.03 -8.15 6.67
CA TYR A 276 21.09 -8.50 7.74
C TYR A 276 21.24 -9.94 8.21
N ARG A 277 22.40 -10.54 7.93
CA ARG A 277 22.71 -11.92 8.33
C ARG A 277 21.52 -12.85 8.12
N ILE A 278 20.99 -12.86 6.90
CA ILE A 278 19.85 -13.71 6.56
C ILE A 278 20.27 -14.83 5.61
N GLU A 279 19.75 -16.02 5.88
CA GLU A 279 20.04 -17.19 5.05
C GLU A 279 18.79 -17.63 4.30
N LEU A 280 18.89 -17.66 2.98
CA LEU A 280 17.77 -18.08 2.14
C LEU A 280 17.53 -19.57 2.32
N ASP A 281 16.28 -20.00 2.20
CA ASP A 281 16.00 -21.42 2.32
C ASP A 281 16.70 -22.01 1.10
N PRO A 282 17.42 -23.13 1.28
CA PRO A 282 18.16 -23.81 0.21
C PRO A 282 17.41 -23.92 -1.12
N GLN A 283 16.15 -24.29 -1.06
CA GLN A 283 15.33 -24.43 -2.27
C GLN A 283 15.22 -23.07 -2.94
N LEU A 284 14.91 -22.04 -2.16
CA LEU A 284 14.77 -20.68 -2.66
C LEU A 284 16.07 -20.22 -3.31
N GLU A 285 17.18 -20.37 -2.58
CA GLU A 285 18.48 -19.98 -3.12
C GLU A 285 18.72 -20.68 -4.45
N ALA A 286 18.26 -21.92 -4.55
CA ALA A 286 18.43 -22.70 -5.77
C ALA A 286 17.61 -22.11 -6.91
N LEU A 287 16.38 -21.71 -6.61
CA LEU A 287 15.49 -21.13 -7.61
C LEU A 287 15.95 -19.78 -8.13
N VAL A 288 16.46 -18.93 -7.23
CA VAL A 288 16.92 -17.60 -7.61
C VAL A 288 18.09 -17.64 -8.59
N GLY A 289 19.00 -18.60 -8.38
CA GLY A 289 20.15 -18.72 -9.26
C GLY A 289 21.05 -17.51 -9.23
N ARG A 290 21.65 -17.17 -10.37
CA ARG A 290 22.52 -16.02 -10.48
C ARG A 290 22.08 -15.17 -11.67
N HIS A 291 21.90 -13.87 -11.44
CA HIS A 291 21.46 -12.98 -12.51
C HIS A 291 22.18 -11.64 -12.47
N SER A 292 22.29 -11.04 -13.65
CA SER A 292 22.94 -9.74 -13.79
C SER A 292 21.90 -8.64 -13.65
N ARG A 293 22.32 -7.46 -13.21
CA ARG A 293 21.41 -6.34 -13.06
C ARG A 293 21.04 -5.86 -14.46
N LYS A 294 19.75 -5.62 -14.68
CA LYS A 294 19.27 -5.17 -15.99
C LYS A 294 18.88 -3.70 -15.93
N PRO A 295 19.45 -2.87 -16.80
CA PRO A 295 19.12 -1.44 -16.84
C PRO A 295 17.63 -1.23 -17.01
N TRP A 296 17.08 -0.24 -16.30
CA TRP A 296 15.65 0.06 -16.38
C TRP A 296 15.19 0.36 -17.80
N LEU A 297 16.06 0.99 -18.59
CA LEU A 297 15.71 1.34 -19.96
C LEU A 297 15.51 0.13 -20.87
N LYS A 298 15.92 -1.05 -20.41
CA LYS A 298 15.75 -2.25 -21.21
C LYS A 298 14.29 -2.70 -21.23
N PHE A 299 13.44 -1.95 -20.52
CA PHE A 299 12.02 -2.26 -20.46
C PHE A 299 11.20 -1.22 -21.19
N MET A 300 11.88 -0.33 -21.88
CA MET A 300 11.21 0.71 -22.65
C MET A 300 10.82 0.19 -24.02
N ASN A 301 9.64 0.60 -24.50
CA ASN A 301 9.14 0.19 -25.80
C ASN A 301 8.26 1.28 -26.39
N ALA A 302 7.84 1.10 -27.63
CA ALA A 302 6.99 2.08 -28.31
C ALA A 302 5.74 2.45 -27.54
N ASP A 303 5.27 1.55 -26.67
CA ASP A 303 4.07 1.80 -25.89
C ASP A 303 4.29 2.67 -24.64
N ASN A 304 5.46 2.53 -24.02
CA ASN A 304 5.75 3.31 -22.81
C ASN A 304 6.86 4.33 -23.00
N GLN A 305 7.05 4.75 -24.25
CA GLN A 305 8.09 5.72 -24.55
C GLN A 305 7.76 7.11 -24.02
N HIS A 306 6.50 7.52 -24.18
CA HIS A 306 6.09 8.84 -23.72
C HIS A 306 5.97 8.91 -22.19
N LEU A 307 6.48 7.89 -21.50
CA LEU A 307 6.38 7.85 -20.04
C LEU A 307 7.66 7.55 -19.28
N VAL A 308 8.69 7.05 -19.96
CA VAL A 308 9.93 6.68 -19.26
C VAL A 308 11.12 7.64 -19.31
N SER A 309 10.89 8.89 -18.95
CA SER A 309 11.94 9.91 -18.94
C SER A 309 13.00 9.61 -17.87
N PRO A 310 14.17 10.28 -17.96
CA PRO A 310 15.26 10.10 -17.00
C PRO A 310 14.86 10.37 -15.56
N GLU A 311 13.96 11.32 -15.35
CA GLU A 311 13.51 11.66 -14.00
C GLU A 311 12.68 10.51 -13.45
N ALA A 312 11.84 9.92 -14.30
CA ALA A 312 11.01 8.81 -13.87
C ALA A 312 11.89 7.63 -13.50
N ILE A 313 12.91 7.36 -14.31
CA ILE A 313 13.82 6.26 -14.06
C ILE A 313 14.63 6.50 -12.77
N ASP A 314 15.14 7.72 -12.60
CA ASP A 314 15.92 8.03 -11.42
C ASP A 314 15.11 7.81 -10.16
N PHE A 315 13.86 8.26 -10.18
CA PHE A 315 12.96 8.12 -9.04
C PHE A 315 12.66 6.65 -8.76
N LEU A 316 12.32 5.90 -9.81
CA LEU A 316 12.01 4.48 -9.67
C LEU A 316 13.20 3.73 -9.06
N ASP A 317 14.38 4.09 -9.52
CA ASP A 317 15.60 3.42 -9.06
C ASP A 317 15.83 3.58 -7.57
N LYS A 318 15.44 4.74 -7.05
CA LYS A 318 15.61 5.05 -5.63
C LYS A 318 14.53 4.43 -4.75
N LEU A 319 13.53 3.80 -5.38
CA LEU A 319 12.46 3.16 -4.63
C LEU A 319 12.69 1.65 -4.60
N LEU A 320 12.98 1.07 -5.75
CA LEU A 320 13.20 -0.36 -5.84
C LEU A 320 14.63 -0.78 -5.50
N ARG A 321 14.92 -0.78 -4.20
CA ARG A 321 16.24 -1.18 -3.69
C ARG A 321 15.98 -2.35 -2.76
N TYR A 322 16.85 -3.36 -2.78
CA TYR A 322 16.67 -4.51 -1.90
C TYR A 322 16.64 -4.02 -0.45
N ASP A 323 17.64 -3.25 -0.08
CA ASP A 323 17.76 -2.75 1.27
C ASP A 323 16.66 -1.73 1.54
N HIS A 324 15.70 -2.12 2.38
CA HIS A 324 14.59 -1.26 2.72
C HIS A 324 15.13 0.05 3.31
N GLN A 325 16.33 -0.01 3.89
CA GLN A 325 16.92 1.18 4.50
C GLN A 325 17.47 2.17 3.47
N GLU A 326 17.69 1.71 2.24
CA GLU A 326 18.21 2.56 1.17
C GLU A 326 17.09 3.31 0.42
N ARG A 327 15.89 2.77 0.44
CA ARG A 327 14.76 3.37 -0.28
C ARG A 327 14.40 4.77 0.20
N LEU A 328 13.86 5.58 -0.70
CA LEU A 328 13.43 6.91 -0.32
C LEU A 328 12.29 6.75 0.67
N THR A 329 12.15 7.73 1.57
CA THR A 329 11.05 7.71 2.52
C THR A 329 9.95 8.39 1.70
N ALA A 330 8.71 8.34 2.18
CA ALA A 330 7.62 8.99 1.44
C ALA A 330 7.86 10.48 1.30
N LEU A 331 8.35 11.11 2.36
CA LEU A 331 8.62 12.55 2.34
C LEU A 331 9.71 12.91 1.31
N GLU A 332 10.76 12.08 1.24
CA GLU A 332 11.84 12.32 0.27
C GLU A 332 11.29 12.17 -1.15
N ALA A 333 10.51 11.11 -1.37
CA ALA A 333 9.93 10.85 -2.69
C ALA A 333 9.12 12.03 -3.21
N MET A 334 8.33 12.64 -2.33
CA MET A 334 7.50 13.77 -2.71
C MET A 334 8.31 14.98 -3.20
N THR A 335 9.57 15.11 -2.76
CA THR A 335 10.41 16.24 -3.16
C THR A 335 11.28 15.98 -4.39
N HIS A 336 11.27 14.74 -4.89
CA HIS A 336 12.07 14.41 -6.07
C HIS A 336 11.64 15.29 -7.24
N PRO A 337 12.59 15.79 -8.04
CA PRO A 337 12.30 16.64 -9.19
C PRO A 337 11.22 16.09 -10.14
N TYR A 338 11.07 14.77 -10.15
CA TYR A 338 10.06 14.14 -11.01
C TYR A 338 8.70 14.78 -10.79
N PHE A 339 8.43 15.16 -9.54
CA PHE A 339 7.15 15.77 -9.18
C PHE A 339 7.13 17.30 -9.16
N GLN A 340 8.19 17.96 -9.59
CA GLN A 340 8.24 19.43 -9.55
C GLN A 340 7.05 20.17 -10.15
N GLN A 341 6.53 19.73 -11.29
CA GLN A 341 5.38 20.41 -11.88
C GLN A 341 4.12 20.22 -11.03
N VAL A 342 3.96 19.02 -10.48
CA VAL A 342 2.81 18.72 -9.62
C VAL A 342 2.89 19.62 -8.39
N ARG A 343 4.08 19.76 -7.81
CA ARG A 343 4.27 20.62 -6.64
C ARG A 343 4.01 22.09 -6.99
N ALA A 344 4.64 22.55 -8.07
CA ALA A 344 4.46 23.94 -8.50
C ALA A 344 2.98 24.24 -8.71
N ALA A 345 2.26 23.30 -9.33
CA ALA A 345 0.84 23.49 -9.59
C ALA A 345 0.04 23.63 -8.30
N GLU A 346 0.35 22.79 -7.33
CA GLU A 346 -0.34 22.80 -6.04
C GLU A 346 -0.16 24.13 -5.31
N ASN A 347 1.08 24.62 -5.26
CA ASN A 347 1.36 25.88 -4.58
C ASN A 347 0.90 27.05 -5.44
N SER A 348 -0.35 26.97 -5.90
CA SER A 348 -0.95 28.01 -6.72
C SER A 348 -2.34 28.33 -6.20
N01 P45 B . -14.69 3.25 -2.58
C02 P45 B . -14.25 3.42 -1.30
C03 P45 B . -13.83 2.18 -0.82
C04 P45 B . -14.04 1.25 -1.90
N05 P45 B . -14.57 1.94 -2.96
N06 P45 B . -13.82 -0.06 -2.04
C07 P45 B . -14.14 -0.62 -3.20
N08 P45 B . -14.67 0.03 -4.24
C09 P45 B . -14.88 1.33 -4.08
N10 P45 B . -15.44 2.04 -5.10
C11 P45 B . -15.96 1.52 -6.24
C12 P45 B . -15.44 0.41 -6.89
C13 P45 B . -15.93 -0.03 -8.12
C14 P45 B . -16.98 0.66 -8.73
C15 P45 B . -17.55 1.75 -8.06
C16 P45 B . -17.05 2.18 -6.84
N17 P45 B . -13.92 -1.96 -3.33
C18 P45 B . -14.28 -2.70 -4.53
C19 P45 B . -13.27 -2.61 -5.66
C20 P45 B . -13.70 -2.86 -6.97
C21 P45 B . -12.79 -2.81 -8.01
C22 P45 B . -11.44 -2.53 -7.78
C23 P45 B . -11.03 -2.25 -6.49
C24 P45 B . -11.94 -2.30 -5.42
C25 P45 B . -13.32 1.92 0.51
N26 P45 B . -13.00 1.75 1.60
CL27 P45 B . -10.30 -2.55 -9.10
#